data_1TFF
#
_entry.id   1TFF
#
_cell.length_a   46.433
_cell.length_b   65.401
_cell.length_c   76.259
_cell.angle_alpha   90.00
_cell.angle_beta   90.00
_cell.angle_gamma   90.00
#
_symmetry.space_group_name_H-M   'P 21 21 21'
#
loop_
_entity.id
_entity.type
_entity.pdbx_description
1 polymer 'Ubiquitin thiolesterase protein OTUB2'
2 water water
#
_entity_poly.entity_id   1
_entity_poly.type   'polypeptide(L)'
_entity_poly.pdbx_seq_one_letter_code
;MSETSFNLISEKCDILSILRDHPENRIYRRKIEELSKRFTAIRKTKGDRNCFYRALGYSYLESLLGKSREIFKFKERVLQ
TPNDLLAAGFEEHKFRNFFNAFYSVVELVEKDGSVSSLLKVFNDQSASDHIVQFLRLLTSAFIRNRADFFRHFIDEE
(MSE)DIKDFCTHEVEP(MSE)ATECDHIQITALSQALSIALQVEYVDEMDTALNHHVFPEAATPSVYLLYKTSHYNILY
AADKH
;
_entity_poly.pdbx_strand_id   A
#
# COMPACT_ATOMS: atom_id res chain seq x y z
N ASN A 7 15.28 9.19 -0.69
CA ASN A 7 14.47 8.57 -1.74
C ASN A 7 13.05 8.19 -1.10
N LEU A 8 12.08 7.93 -1.97
CA LEU A 8 10.71 7.57 -1.55
C LEU A 8 10.63 6.20 -0.97
N ILE A 9 11.39 5.26 -1.54
CA ILE A 9 11.50 3.91 -1.00
C ILE A 9 12.99 3.47 -0.92
N SER A 10 13.43 3.05 0.25
CA SER A 10 14.80 2.77 0.54
C SER A 10 15.21 1.42 0.04
N GLU A 11 16.53 1.18 0.07
CA GLU A 11 17.08 -0.18 0.01
C GLU A 11 16.74 -1.00 1.27
N LYS A 12 16.94 -2.34 1.21
CA LYS A 12 16.63 -3.21 2.34
C LYS A 12 17.74 -3.00 3.41
N CYS A 13 17.38 -2.92 4.68
CA CYS A 13 18.33 -2.72 5.77
C CYS A 13 17.97 -3.72 6.81
N ASP A 14 18.89 -3.90 7.76
CA ASP A 14 18.68 -4.81 8.93
C ASP A 14 17.50 -4.37 9.73
N ILE A 15 16.75 -5.29 10.28
CA ILE A 15 15.74 -4.94 11.28
C ILE A 15 16.25 -4.12 12.47
N LEU A 16 17.38 -4.58 12.97
CA LEU A 16 17.97 -3.91 14.13
C LEU A 16 18.36 -2.46 13.85
N SER A 17 18.34 -2.04 12.58
CA SER A 17 18.65 -0.67 12.18
C SER A 17 17.57 0.32 12.63
N ILE A 18 16.39 -0.22 12.96
CA ILE A 18 15.32 0.56 13.54
C ILE A 18 15.79 1.11 14.91
N LEU A 19 16.62 0.37 15.67
CA LEU A 19 17.18 0.86 16.94
C LEU A 19 18.43 1.74 16.76
N ARG A 20 19.51 1.13 16.24
CA ARG A 20 20.79 1.80 15.95
C ARG A 20 20.69 3.22 15.35
N ASP A 21 19.88 3.38 14.31
CA ASP A 21 19.43 4.71 13.88
C ASP A 21 18.65 5.34 15.05
N HIS A 22 17.57 6.11 14.77
CA HIS A 22 16.53 6.42 15.78
C HIS A 22 16.80 6.04 17.28
N PRO A 23 17.33 6.96 18.09
CA PRO A 23 17.26 6.84 19.56
C PRO A 23 15.85 6.93 20.19
N GLU A 24 14.89 7.55 19.54
CA GLU A 24 13.53 7.55 20.05
C GLU A 24 13.00 6.12 20.26
N ASN A 25 13.46 5.21 19.40
CA ASN A 25 12.99 3.83 19.35
C ASN A 25 13.47 2.87 20.44
N ARG A 26 14.33 3.31 21.36
CA ARG A 26 14.93 2.40 22.38
C ARG A 26 13.93 1.80 23.43
N ILE A 27 12.85 2.49 23.75
CA ILE A 27 11.75 1.92 24.60
C ILE A 27 11.08 0.63 23.99
N TYR A 28 11.04 0.57 22.65
CA TYR A 28 10.51 -0.65 22.00
C TYR A 28 11.61 -1.68 21.58
N ARG A 29 12.76 -1.69 22.23
CA ARG A 29 13.84 -2.59 21.85
C ARG A 29 13.49 -4.07 21.89
N ARG A 30 12.68 -4.48 22.86
CA ARG A 30 12.38 -5.91 22.96
C ARG A 30 11.46 -6.28 21.82
N LYS A 31 10.57 -5.37 21.41
CA LYS A 31 9.64 -5.69 20.31
C LYS A 31 10.40 -5.75 18.98
N ILE A 32 11.35 -4.84 18.82
CA ILE A 32 12.17 -4.75 17.62
C ILE A 32 13.01 -5.98 17.55
N GLU A 33 13.51 -6.44 18.70
CA GLU A 33 14.28 -7.68 18.71
C GLU A 33 13.40 -8.90 18.38
N GLU A 34 12.17 -8.96 18.85
CA GLU A 34 11.27 -10.04 18.39
C GLU A 34 10.94 -9.94 16.86
N LEU A 35 10.77 -8.74 16.34
CA LEU A 35 10.60 -8.61 14.91
C LEU A 35 11.78 -9.18 14.16
N SER A 36 12.99 -8.97 14.72
CA SER A 36 14.24 -9.37 14.05
C SER A 36 14.28 -10.91 13.97
N LYS A 37 13.49 -11.63 14.74
CA LYS A 37 13.50 -13.06 14.55
C LYS A 37 12.49 -13.58 13.54
N ARG A 38 11.52 -12.75 13.20
CA ARG A 38 10.54 -13.11 12.19
C ARG A 38 10.68 -12.50 10.87
N PHE A 39 11.40 -11.40 10.80
CA PHE A 39 11.62 -10.62 9.56
C PHE A 39 13.11 -10.51 9.30
N THR A 40 13.54 -10.43 8.05
CA THR A 40 14.99 -10.29 7.76
C THR A 40 15.38 -8.93 7.26
N ALA A 41 14.43 -8.03 6.98
CA ALA A 41 14.79 -6.74 6.38
C ALA A 41 13.65 -5.80 6.52
N ILE A 42 13.93 -4.54 6.39
CA ILE A 42 12.93 -3.48 6.32
C ILE A 42 13.34 -2.53 5.20
N ARG A 43 12.38 -2.06 4.42
CA ARG A 43 12.55 -0.82 3.64
C ARG A 43 11.69 0.33 4.18
N LYS A 44 12.33 1.48 4.19
CA LYS A 44 11.80 2.75 4.65
C LYS A 44 11.14 3.46 3.50
N THR A 45 10.00 4.06 3.80
CA THR A 45 9.24 4.85 2.86
C THR A 45 9.29 6.29 3.34
N LYS A 46 9.32 7.28 2.48
CA LYS A 46 9.20 8.64 2.95
C LYS A 46 7.92 8.87 3.70
N GLY A 47 8.05 9.67 4.74
CA GLY A 47 6.97 10.10 5.62
C GLY A 47 6.29 11.38 5.15
N ASP A 48 5.45 11.27 4.10
CA ASP A 48 4.81 12.44 3.47
C ASP A 48 3.24 12.34 3.44
N ARG A 49 2.65 11.51 4.27
CA ARG A 49 1.19 11.35 4.32
C ARG A 49 0.63 10.49 3.18
N ASN A 50 1.48 9.91 2.32
CA ASN A 50 1.16 9.00 1.23
C ASN A 50 1.79 7.58 1.35
N CYS A 51 2.43 7.27 2.50
CA CYS A 51 3.33 6.15 2.55
C CYS A 51 2.54 4.88 2.65
N PHE A 52 1.32 4.86 3.23
CA PHE A 52 0.54 3.64 3.10
C PHE A 52 0.30 3.27 1.62
N TYR A 53 -0.14 4.20 0.80
CA TYR A 53 -0.40 3.87 -0.59
C TYR A 53 0.89 3.47 -1.34
N ARG A 54 1.96 4.20 -1.06
CA ARG A 54 3.24 3.98 -1.76
C ARG A 54 3.90 2.68 -1.38
N ALA A 55 3.85 2.38 -0.10
CA ALA A 55 4.33 1.13 0.46
C ALA A 55 3.56 -0.03 0.00
N LEU A 56 2.24 0.03 0.08
CA LEU A 56 1.47 -1.16 -0.28
C LEU A 56 1.64 -1.40 -1.77
N GLY A 57 1.58 -0.32 -2.55
CA GLY A 57 1.63 -0.53 -3.99
C GLY A 57 3.03 -1.05 -4.37
N TYR A 58 4.11 -0.52 -3.83
CA TYR A 58 5.42 -1.06 -4.20
C TYR A 58 5.57 -2.47 -3.77
N SER A 59 5.19 -2.76 -2.53
CA SER A 59 5.51 -4.05 -1.93
C SER A 59 4.72 -5.11 -2.56
N TYR A 60 3.47 -4.77 -2.93
CA TYR A 60 2.66 -5.79 -3.59
C TYR A 60 3.16 -6.09 -5.00
N LEU A 61 3.45 -5.08 -5.78
CA LEU A 61 3.99 -5.29 -7.16
C LEU A 61 5.35 -6.05 -7.09
N GLU A 62 6.20 -5.73 -6.12
CA GLU A 62 7.42 -6.49 -5.89
C GLU A 62 7.17 -7.96 -5.63
N SER A 63 6.15 -8.28 -4.87
CA SER A 63 5.86 -9.65 -4.61
C SER A 63 5.42 -10.40 -5.81
N LEU A 64 4.92 -9.70 -6.88
CA LEU A 64 4.43 -10.42 -8.06
C LEU A 64 5.58 -10.79 -9.01
N LEU A 65 6.75 -10.19 -8.83
CA LEU A 65 7.81 -10.36 -9.84
C LEU A 65 8.09 -11.82 -10.10
N GLY A 66 8.12 -12.25 -11.35
CA GLY A 66 8.33 -13.65 -11.72
C GLY A 66 7.17 -14.61 -11.52
N LYS A 67 6.01 -14.17 -11.07
CA LYS A 67 4.92 -15.08 -10.85
C LYS A 67 3.90 -14.80 -11.97
N SER A 68 4.06 -15.55 -13.04
CA SER A 68 3.27 -15.39 -14.29
C SER A 68 1.76 -15.40 -14.12
N ARG A 69 1.27 -16.44 -13.52
CA ARG A 69 -0.16 -16.56 -13.25
C ARG A 69 -0.78 -15.59 -12.23
N GLU A 70 -0.03 -15.16 -11.22
CA GLU A 70 -0.45 -14.15 -10.29
C GLU A 70 -0.44 -12.83 -11.01
N ILE A 71 0.57 -12.58 -11.83
CA ILE A 71 0.65 -11.37 -12.63
C ILE A 71 -0.45 -11.25 -13.64
N PHE A 72 -0.71 -12.35 -14.32
CA PHE A 72 -1.89 -12.51 -15.15
C PHE A 72 -3.20 -12.10 -14.44
N LYS A 73 -3.48 -12.64 -13.25
CA LYS A 73 -4.74 -12.40 -12.65
C LYS A 73 -4.77 -10.97 -12.16
N PHE A 74 -3.63 -10.40 -11.72
CA PHE A 74 -3.63 -9.02 -11.20
C PHE A 74 -3.89 -8.04 -12.39
N LYS A 75 -3.29 -8.37 -13.52
CA LYS A 75 -3.36 -7.49 -14.67
C LYS A 75 -4.85 -7.45 -15.11
N GLU A 76 -5.52 -8.58 -15.07
CA GLU A 76 -6.90 -8.63 -15.44
C GLU A 76 -7.78 -7.81 -14.45
N ARG A 77 -7.43 -7.79 -13.16
CA ARG A 77 -8.22 -7.00 -12.18
C ARG A 77 -7.99 -5.53 -12.44
N VAL A 78 -6.75 -5.11 -12.75
CA VAL A 78 -6.43 -3.74 -12.93
C VAL A 78 -7.09 -3.24 -14.18
N LEU A 79 -7.21 -4.11 -15.16
CA LEU A 79 -7.95 -3.69 -16.35
C LEU A 79 -9.47 -3.41 -16.18
N GLN A 80 -10.08 -3.94 -15.11
CA GLN A 80 -11.44 -3.76 -14.76
C GLN A 80 -11.59 -2.47 -13.90
N THR A 81 -10.46 -1.93 -13.42
CA THR A 81 -10.56 -0.82 -12.54
C THR A 81 -11.15 0.41 -13.09
N PRO A 82 -10.98 0.73 -14.35
CA PRO A 82 -11.71 1.87 -14.89
C PRO A 82 -13.25 1.83 -14.74
N ASN A 83 -13.79 0.65 -14.73
CA ASN A 83 -15.21 0.43 -14.51
C ASN A 83 -15.58 0.66 -13.07
N ASP A 84 -14.70 0.33 -12.11
CA ASP A 84 -15.03 0.66 -10.70
C ASP A 84 -15.08 2.19 -10.55
N LEU A 85 -14.17 2.87 -11.22
CA LEU A 85 -14.03 4.33 -11.10
C LEU A 85 -15.22 5.05 -11.66
N LEU A 86 -15.57 4.61 -12.88
CA LEU A 86 -16.72 5.10 -13.59
C LEU A 86 -17.96 4.76 -12.81
N ALA A 87 -18.13 3.53 -12.29
CA ALA A 87 -19.27 3.27 -11.50
C ALA A 87 -19.40 4.10 -10.26
N ALA A 88 -18.29 4.56 -9.73
CA ALA A 88 -18.31 5.41 -8.58
C ALA A 88 -18.58 6.85 -8.93
N GLY A 89 -18.65 7.23 -10.20
CA GLY A 89 -18.89 8.63 -10.52
C GLY A 89 -17.74 9.40 -11.09
N PHE A 90 -16.57 8.79 -11.25
CA PHE A 90 -15.40 9.53 -11.71
C PHE A 90 -15.50 9.52 -13.23
N GLU A 91 -15.16 10.60 -13.86
CA GLU A 91 -15.16 10.70 -15.31
C GLU A 91 -13.79 10.22 -15.86
N GLU A 92 -13.82 9.42 -16.93
CA GLU A 92 -12.68 8.79 -17.59
C GLU A 92 -11.63 9.83 -17.86
N HIS A 93 -12.09 10.97 -18.21
CA HIS A 93 -11.27 12.12 -18.47
C HIS A 93 -10.30 12.35 -17.32
N LYS A 94 -10.83 12.38 -16.13
CA LYS A 94 -10.06 12.70 -14.90
C LYS A 94 -9.12 11.60 -14.29
N PHE A 95 -9.42 10.33 -14.44
CA PHE A 95 -8.61 9.30 -13.81
C PHE A 95 -7.63 8.69 -14.82
N ARG A 96 -7.82 9.02 -16.12
CA ARG A 96 -7.07 8.42 -17.19
C ARG A 96 -5.51 8.41 -17.06
N ASN A 97 -4.93 9.49 -16.65
CA ASN A 97 -3.51 9.62 -16.65
C ASN A 97 -3.03 8.80 -15.42
N PHE A 98 -3.89 8.73 -14.40
CA PHE A 98 -3.48 7.96 -13.21
C PHE A 98 -3.59 6.53 -13.46
N PHE A 99 -4.65 6.10 -14.12
CA PHE A 99 -4.71 4.74 -14.55
C PHE A 99 -3.56 4.32 -15.47
N ASN A 100 -3.27 5.11 -16.49
CA ASN A 100 -2.18 4.79 -17.38
C ASN A 100 -0.90 4.59 -16.60
N ALA A 101 -0.60 5.44 -15.65
CA ALA A 101 0.68 5.30 -14.96
C ALA A 101 0.69 4.03 -14.11
N PHE A 102 -0.45 3.65 -13.52
CA PHE A 102 -0.48 2.43 -12.76
C PHE A 102 -0.29 1.24 -13.68
N TYR A 103 -1.07 1.26 -14.72
CA TYR A 103 -1.01 0.17 -15.67
C TYR A 103 0.40 0.00 -16.28
N SER A 104 1.09 1.07 -16.48
CA SER A 104 2.45 0.98 -17.02
C SER A 104 3.49 0.35 -15.99
N VAL A 105 3.28 0.51 -14.68
CA VAL A 105 4.03 -0.23 -13.72
C VAL A 105 3.64 -1.72 -13.68
N VAL A 106 2.39 -2.04 -13.88
CA VAL A 106 2.00 -3.42 -13.96
C VAL A 106 2.67 -4.10 -15.18
N GLU A 107 2.67 -3.45 -16.35
CA GLU A 107 3.39 -3.94 -17.52
C GLU A 107 4.95 -4.05 -17.31
N LEU A 108 5.55 -3.14 -16.58
CA LEU A 108 6.92 -3.28 -16.15
C LEU A 108 7.10 -4.59 -15.36
N VAL A 109 6.25 -4.83 -14.38
CA VAL A 109 6.29 -6.06 -13.70
C VAL A 109 6.23 -7.27 -14.58
N GLU A 110 5.29 -7.24 -15.51
CA GLU A 110 5.06 -8.35 -16.40
C GLU A 110 6.25 -8.52 -17.39
N LYS A 111 6.83 -7.46 -17.91
CA LYS A 111 7.71 -7.58 -19.08
C LYS A 111 9.18 -7.34 -18.77
N ASP A 112 9.44 -6.46 -17.82
CA ASP A 112 10.77 -6.20 -17.33
C ASP A 112 11.15 -7.17 -16.15
N GLY A 113 10.35 -7.17 -15.06
CA GLY A 113 10.36 -8.25 -14.14
C GLY A 113 11.44 -8.02 -13.10
N SER A 114 12.10 -6.88 -13.14
CA SER A 114 13.19 -6.58 -12.25
C SER A 114 12.85 -5.59 -11.10
N VAL A 115 13.42 -5.87 -9.92
CA VAL A 115 13.23 -5.06 -8.78
C VAL A 115 13.81 -3.78 -9.03
N SER A 116 15.01 -3.67 -9.63
CA SER A 116 15.56 -2.35 -9.78
C SER A 116 14.71 -1.43 -10.69
N SER A 117 14.14 -1.90 -11.77
CA SER A 117 13.30 -0.99 -12.58
C SER A 117 12.01 -0.51 -11.81
N LEU A 118 11.47 -1.40 -10.99
CA LEU A 118 10.28 -1.13 -10.19
C LEU A 118 10.55 -0.02 -9.18
N LEU A 119 11.67 -0.19 -8.55
CA LEU A 119 12.09 0.73 -7.52
C LEU A 119 12.46 2.05 -8.06
N LYS A 120 13.00 2.00 -9.26
CA LYS A 120 13.23 3.25 -10.00
C LYS A 120 11.92 3.98 -10.32
N VAL A 121 10.87 3.28 -10.75
CA VAL A 121 9.60 4.03 -10.94
C VAL A 121 9.08 4.61 -9.62
N PHE A 122 9.11 3.84 -8.55
CA PHE A 122 8.56 4.25 -7.28
C PHE A 122 9.43 5.29 -6.62
N ASN A 123 10.67 5.43 -7.08
CA ASN A 123 11.50 6.53 -6.56
C ASN A 123 11.49 7.76 -7.49
N ASP A 124 10.75 7.73 -8.56
CA ASP A 124 10.63 8.90 -9.43
C ASP A 124 9.43 9.66 -8.88
N GLN A 125 9.66 10.86 -8.35
CA GLN A 125 8.63 11.63 -7.70
C GLN A 125 7.35 11.67 -8.52
N SER A 126 7.47 12.02 -9.79
CA SER A 126 6.29 12.16 -10.64
C SER A 126 5.50 10.89 -10.94
N ALA A 127 6.12 9.84 -11.44
CA ALA A 127 5.46 8.57 -11.71
C ALA A 127 4.97 7.93 -10.38
N SER A 128 5.71 8.10 -9.32
CA SER A 128 5.33 7.51 -8.09
C SER A 128 4.06 8.18 -7.48
N ASP A 129 3.94 9.51 -7.53
CA ASP A 129 2.79 10.24 -7.10
C ASP A 129 1.56 10.00 -7.94
N HIS A 130 1.72 9.79 -9.23
CA HIS A 130 0.61 9.32 -10.05
C HIS A 130 0.04 7.98 -9.69
N ILE A 131 0.98 7.11 -9.35
CA ILE A 131 0.70 5.80 -8.88
C ILE A 131 -0.08 5.93 -7.55
N VAL A 132 0.37 6.75 -6.60
CA VAL A 132 -0.35 7.04 -5.35
C VAL A 132 -1.75 7.58 -5.66
N GLN A 133 -1.83 8.54 -6.55
CA GLN A 133 -3.12 9.18 -6.83
C GLN A 133 -4.11 8.13 -7.43
N PHE A 134 -3.63 7.26 -8.33
CA PHE A 134 -4.45 6.16 -8.77
C PHE A 134 -5.02 5.32 -7.64
N LEU A 135 -4.13 4.86 -6.75
CA LEU A 135 -4.47 3.98 -5.66
C LEU A 135 -5.48 4.69 -4.75
N ARG A 136 -5.35 6.00 -4.56
CA ARG A 136 -6.32 6.79 -3.82
C ARG A 136 -7.71 6.92 -4.48
N LEU A 137 -7.71 7.11 -5.76
CA LEU A 137 -8.99 7.17 -6.46
C LEU A 137 -9.62 5.79 -6.48
N LEU A 138 -8.84 4.75 -6.62
CA LEU A 138 -9.40 3.44 -6.58
C LEU A 138 -10.06 3.15 -5.21
N THR A 139 -9.38 3.56 -4.13
CA THR A 139 -9.85 3.40 -2.79
C THR A 139 -11.18 4.13 -2.60
N SER A 140 -11.22 5.37 -3.04
CA SER A 140 -12.39 6.16 -2.96
C SER A 140 -13.55 5.51 -3.75
N ALA A 141 -13.29 5.08 -4.98
CA ALA A 141 -14.32 4.38 -5.80
C ALA A 141 -14.86 3.22 -5.04
N PHE A 142 -13.95 2.47 -4.45
CA PHE A 142 -14.36 1.23 -3.78
C PHE A 142 -15.20 1.52 -2.58
N ILE A 143 -14.80 2.57 -1.83
CA ILE A 143 -15.65 3.08 -0.77
C ILE A 143 -17.05 3.49 -1.20
N ARG A 144 -17.10 4.36 -2.16
CA ARG A 144 -18.33 4.93 -2.64
C ARG A 144 -19.24 3.81 -3.21
N ASN A 145 -18.68 2.84 -3.95
CA ASN A 145 -19.54 1.74 -4.55
C ASN A 145 -20.05 0.74 -3.49
N ARG A 146 -19.41 0.77 -2.30
CA ARG A 146 -19.77 -0.03 -1.19
C ARG A 146 -20.15 0.84 0.03
N ALA A 147 -20.89 1.91 -0.23
CA ALA A 147 -21.20 2.86 0.79
C ALA A 147 -22.08 2.22 1.94
N ASP A 148 -22.83 1.17 1.62
CA ASP A 148 -23.70 0.58 2.58
C ASP A 148 -22.95 -0.17 3.68
N PHE A 149 -21.75 -0.64 3.32
CA PHE A 149 -20.80 -1.18 4.25
C PHE A 149 -19.98 -0.11 4.95
N PHE A 150 -19.37 0.79 4.21
CA PHE A 150 -18.37 1.69 4.80
C PHE A 150 -18.98 2.81 5.63
N ARG A 151 -20.25 3.11 5.41
CA ARG A 151 -20.91 4.03 6.24
C ARG A 151 -20.97 3.64 7.67
N HIS A 152 -20.98 2.35 7.98
CA HIS A 152 -20.89 1.88 9.40
C HIS A 152 -19.61 2.28 10.09
N PHE A 153 -18.63 2.79 9.36
CA PHE A 153 -17.40 3.18 10.04
C PHE A 153 -17.21 4.64 10.41
N ILE A 154 -18.16 5.47 10.08
CA ILE A 154 -18.11 6.87 10.48
C ILE A 154 -19.46 7.15 11.12
N ASP A 155 -19.65 8.37 11.62
CA ASP A 155 -20.92 8.75 12.24
C ASP A 155 -22.12 8.68 11.32
N GLU A 156 -23.25 8.20 11.82
CA GLU A 156 -24.41 7.99 10.96
C GLU A 156 -24.87 9.30 10.28
N GLU A 157 -24.60 10.47 10.87
CA GLU A 157 -24.97 11.77 10.25
C GLU A 157 -23.87 12.35 9.36
N ASP A 159 -21.45 12.14 5.96
CA ASP A 159 -21.66 11.64 4.61
C ASP A 159 -20.41 10.94 4.10
N ILE A 160 -20.54 9.66 3.82
CA ILE A 160 -19.45 8.82 3.21
C ILE A 160 -18.74 9.49 1.98
N LYS A 161 -19.48 10.22 1.19
CA LYS A 161 -18.98 10.95 0.04
C LYS A 161 -18.01 12.09 0.40
N ASP A 162 -18.29 12.76 1.54
CA ASP A 162 -17.40 13.77 2.06
C ASP A 162 -16.15 13.18 2.53
N PHE A 163 -16.33 12.09 3.23
CA PHE A 163 -15.20 11.33 3.66
C PHE A 163 -14.27 10.98 2.47
N CYS A 164 -14.79 10.52 1.33
CA CYS A 164 -13.97 10.17 0.19
C CYS A 164 -13.29 11.43 -0.41
N THR A 165 -14.05 12.49 -0.53
CA THR A 165 -13.58 13.67 -1.15
C THR A 165 -12.44 14.31 -0.36
N HIS A 166 -12.54 14.26 0.93
CA HIS A 166 -11.61 14.93 1.81
C HIS A 166 -10.51 14.14 2.54
N GLU A 167 -10.68 12.82 2.67
CA GLU A 167 -9.78 12.00 3.45
C GLU A 167 -9.19 10.86 2.66
N VAL A 168 -9.66 10.68 1.42
CA VAL A 168 -9.16 9.58 0.58
C VAL A 168 -8.54 10.15 -0.70
N GLU A 169 -9.30 10.91 -1.49
CA GLU A 169 -8.80 11.37 -2.79
C GLU A 169 -7.57 12.33 -2.77
N PRO A 170 -7.46 13.31 -1.89
CA PRO A 170 -6.34 14.26 -2.05
C PRO A 170 -5.06 13.62 -1.65
N ALA A 172 -1.47 13.41 0.17
CA ALA A 172 -1.07 13.91 1.47
C ALA A 172 -2.12 13.97 2.55
N THR A 173 -3.13 13.08 2.44
CA THR A 173 -4.06 12.80 3.51
C THR A 173 -3.75 11.42 4.01
N GLU A 174 -3.59 11.37 5.36
CA GLU A 174 -3.19 10.17 6.05
C GLU A 174 -4.29 9.15 5.97
N CYS A 175 -3.91 7.87 5.90
CA CYS A 175 -4.86 6.80 5.78
C CYS A 175 -5.24 6.39 7.21
N ASP A 176 -6.25 5.55 7.36
CA ASP A 176 -6.61 4.99 8.62
C ASP A 176 -7.30 3.70 8.24
N HIS A 177 -8.00 3.05 9.18
CA HIS A 177 -8.40 1.72 8.94
C HIS A 177 -9.37 1.60 7.76
N ILE A 178 -10.18 2.61 7.49
CA ILE A 178 -11.15 2.54 6.38
C ILE A 178 -10.42 2.42 5.08
N GLN A 179 -9.44 3.29 4.89
CA GLN A 179 -8.70 3.31 3.65
C GLN A 179 -7.90 2.02 3.41
N ILE A 180 -7.27 1.51 4.46
CA ILE A 180 -6.49 0.29 4.37
C ILE A 180 -7.40 -0.86 4.06
N THR A 181 -8.53 -0.94 4.72
CA THR A 181 -9.50 -2.02 4.42
C THR A 181 -9.98 -1.87 2.98
N ALA A 182 -10.39 -0.67 2.59
CA ALA A 182 -10.87 -0.46 1.18
C ALA A 182 -9.85 -0.80 0.04
N LEU A 183 -8.61 -0.38 0.19
CA LEU A 183 -7.65 -0.64 -0.87
C LEU A 183 -7.27 -2.08 -0.91
N SER A 184 -7.00 -2.71 0.26
CA SER A 184 -6.69 -4.08 0.28
C SER A 184 -7.81 -4.89 -0.31
N GLN A 185 -9.07 -4.59 -0.04
CA GLN A 185 -10.14 -5.40 -0.59
C GLN A 185 -10.26 -5.12 -2.12
N ALA A 186 -10.04 -3.89 -2.52
CA ALA A 186 -10.15 -3.52 -3.92
C ALA A 186 -9.18 -4.32 -4.77
N LEU A 187 -8.04 -4.64 -4.22
CA LEU A 187 -6.99 -5.21 -5.06
C LEU A 187 -6.81 -6.64 -4.69
N SER A 188 -7.63 -7.15 -3.75
CA SER A 188 -7.49 -8.47 -3.17
C SER A 188 -6.14 -8.76 -2.60
N ILE A 189 -5.56 -7.87 -1.84
CA ILE A 189 -4.28 -8.05 -1.24
C ILE A 189 -4.37 -8.62 0.17
N ALA A 190 -3.65 -9.72 0.42
CA ALA A 190 -3.50 -10.30 1.77
C ALA A 190 -2.35 -9.59 2.40
N LEU A 191 -2.65 -8.79 3.39
CA LEU A 191 -1.72 -7.84 4.06
C LEU A 191 -1.66 -8.19 5.53
N GLN A 192 -0.44 -8.21 6.07
CA GLN A 192 -0.23 -8.27 7.52
C GLN A 192 0.50 -7.00 7.97
N VAL A 193 -0.08 -6.31 8.96
CA VAL A 193 0.51 -5.10 9.54
C VAL A 193 1.09 -5.56 10.88
N GLU A 194 2.36 -5.24 11.06
CA GLU A 194 2.99 -5.36 12.38
C GLU A 194 3.06 -4.01 13.06
N TYR A 195 3.09 -4.04 14.38
CA TYR A 195 2.85 -2.80 15.15
C TYR A 195 4.09 -2.74 16.10
N VAL A 196 4.83 -1.62 16.05
CA VAL A 196 6.05 -1.47 16.82
C VAL A 196 5.69 -1.31 18.30
N ASP A 197 4.63 -0.55 18.58
CA ASP A 197 4.11 -0.40 19.93
C ASP A 197 2.72 -1.04 20.11
N HIS A 205 -7.18 1.98 18.45
CA HIS A 205 -8.05 2.23 17.29
C HIS A 205 -7.94 1.17 16.14
N HIS A 206 -8.42 -0.05 16.43
CA HIS A 206 -8.49 -1.12 15.42
C HIS A 206 -7.11 -1.57 14.91
N VAL A 207 -6.70 -2.75 15.39
CA VAL A 207 -5.61 -3.60 14.84
C VAL A 207 -6.08 -4.44 13.62
N PHE A 208 -5.20 -4.56 12.65
CA PHE A 208 -5.31 -5.56 11.58
C PHE A 208 -4.83 -7.02 11.92
N PRO A 209 -5.59 -7.96 11.43
CA PRO A 209 -5.38 -9.36 11.79
C PRO A 209 -4.07 -9.91 11.13
N GLU A 210 -3.55 -10.91 11.74
CA GLU A 210 -2.54 -11.76 11.20
C GLU A 210 -3.09 -12.47 9.94
N ALA A 211 -2.27 -12.67 8.91
CA ALA A 211 -2.76 -13.23 7.64
C ALA A 211 -2.20 -14.62 7.45
N ALA A 212 -2.81 -15.45 6.62
CA ALA A 212 -2.42 -16.85 6.39
C ALA A 212 -1.14 -16.86 5.51
N THR A 213 -1.26 -16.27 4.35
CA THR A 213 -0.15 -16.23 3.43
C THR A 213 -0.08 -14.87 2.76
N PRO A 214 0.31 -13.85 3.47
CA PRO A 214 0.19 -12.49 2.98
C PRO A 214 1.22 -12.28 1.92
N SER A 215 0.88 -11.47 0.96
CA SER A 215 1.87 -11.09 0.01
C SER A 215 2.72 -9.89 0.55
N VAL A 216 2.13 -9.09 1.47
CA VAL A 216 2.75 -7.82 1.88
C VAL A 216 2.76 -7.85 3.44
N TYR A 217 3.90 -7.55 4.05
CA TYR A 217 3.97 -7.18 5.43
C TYR A 217 4.43 -5.70 5.60
N LEU A 218 3.73 -4.92 6.40
CA LEU A 218 4.05 -3.56 6.74
C LEU A 218 4.31 -3.41 8.19
N LEU A 219 5.16 -2.47 8.53
CA LEU A 219 5.42 -2.19 9.91
C LEU A 219 4.86 -0.82 10.18
N TYR A 220 3.99 -0.77 11.18
CA TYR A 220 3.36 0.43 11.56
C TYR A 220 3.98 1.01 12.83
N LYS A 221 4.29 2.29 12.78
CA LYS A 221 4.73 3.11 13.92
C LYS A 221 4.46 4.64 13.66
N THR A 222 3.75 5.29 14.61
CA THR A 222 3.40 6.74 14.56
C THR A 222 2.81 7.13 13.22
N SER A 223 1.84 6.32 12.81
CA SER A 223 0.98 6.62 11.69
C SER A 223 1.81 6.59 10.39
N HIS A 224 2.88 5.80 10.37
CA HIS A 224 3.78 5.64 9.24
C HIS A 224 3.94 4.14 8.99
N TYR A 225 4.13 3.80 7.71
CA TYR A 225 4.23 2.41 7.27
C TYR A 225 5.57 2.20 6.57
N ASN A 226 6.38 1.26 7.01
CA ASN A 226 7.48 0.75 6.23
C ASN A 226 7.21 -0.67 5.79
N ILE A 227 8.07 -1.25 4.99
CA ILE A 227 7.84 -2.59 4.42
C ILE A 227 8.75 -3.57 5.11
N LEU A 228 8.19 -4.72 5.55
CA LEU A 228 8.95 -5.84 6.10
C LEU A 228 9.01 -7.00 5.11
N TYR A 229 10.07 -7.82 5.28
CA TYR A 229 10.40 -9.03 4.45
C TYR A 229 10.57 -10.21 5.45
N ALA A 230 9.80 -11.26 5.27
CA ALA A 230 9.72 -12.32 6.23
C ALA A 230 10.85 -13.26 5.97
N ALA A 231 11.47 -13.66 7.10
CA ALA A 231 12.45 -14.72 7.22
C ALA A 231 11.59 -15.91 7.50
N ASP A 232 10.65 -16.32 6.65
CA ASP A 232 9.73 -17.35 7.12
C ASP A 232 10.42 -18.74 6.93
N LYS A 233 11.70 -18.82 7.30
CA LYS A 233 12.65 -19.70 6.64
C LYS A 233 13.97 -19.82 7.45
N HIS A 234 14.42 -21.06 7.66
CA HIS A 234 15.84 -21.50 7.63
C HIS A 234 16.94 -20.78 8.44
#